data_4ILJ
#
_entry.id   4ILJ
#
_cell.length_a   75.600
_cell.length_b   85.022
_cell.length_c   95.955
_cell.angle_alpha   90.00
_cell.angle_beta   90.00
_cell.angle_gamma   90.00
#
_symmetry.space_group_name_H-M   'P 21 21 21'
#
loop_
_entity.id
_entity.type
_entity.pdbx_description
1 polymer 'Pre-mRNA-splicing factor 8'
2 water water
#
_entity_poly.entity_id   1
_entity_poly.type   'polypeptide(L)'
_entity_poly.pdbx_seq_one_letter_code
;GAMNSSNYAELFNNDIKLFVDDTNVYRVTVHKTFEGNVATKAINGCIFTLNPKTGHLFLKIIHTSVWAGQKRLSQLAKAK
TAEEVSALVRSLPKEEQPKQIIVTRKAMLDPLEVHMLDFPNIAIRPTELRLPFSAAMSIDKLSDVVMKATEPQMVLFNIY
DDWLDRISSYTAFSRLTLLLRALKTNEESAKMILLSDPTITIKSYHLWPSFTDEQWITIESQMRDLILTEYGRKYNVNIS
ALTQTEIKDIILGQNIKA
;
_entity_poly.pdbx_strand_id   A,B
#
# COMPACT_ATOMS: atom_id res chain seq x y z
N GLY A 1 5.54 -0.93 28.31
CA GLY A 1 5.61 0.37 27.64
C GLY A 1 6.32 0.27 26.31
N ALA A 2 5.89 1.08 25.33
CA ALA A 2 6.42 1.00 23.97
C ALA A 2 7.94 1.01 23.89
N MET A 3 8.47 0.23 22.96
CA MET A 3 9.90 0.23 22.70
C MET A 3 10.22 1.36 21.72
N ASN A 4 11.28 2.10 22.02
CA ASN A 4 11.74 3.20 21.19
C ASN A 4 13.26 3.29 21.26
N SER A 5 13.84 4.23 20.53
CA SER A 5 15.31 4.36 20.49
C SER A 5 15.95 4.68 21.85
N SER A 6 15.13 5.09 22.81
CA SER A 6 15.63 5.46 24.13
C SER A 6 15.71 4.25 25.07
N ASN A 7 15.10 3.14 24.68
CA ASN A 7 15.13 1.94 25.49
C ASN A 7 15.34 0.66 24.70
N TYR A 8 15.62 0.78 23.40
CA TYR A 8 15.70 -0.42 22.58
C TYR A 8 16.93 -1.26 22.87
N ALA A 9 17.89 -0.69 23.59
CA ALA A 9 19.07 -1.44 24.00
C ALA A 9 18.69 -2.68 24.82
N GLU A 10 17.52 -2.62 25.47
N GLU A 10 17.52 -2.64 25.47
CA GLU A 10 16.97 -3.71 26.25
CA GLU A 10 17.04 -3.75 26.28
C GLU A 10 16.89 -5.02 25.46
C GLU A 10 16.89 -5.04 25.46
N LEU A 11 16.80 -4.90 24.14
CA LEU A 11 16.72 -6.07 23.24
C LEU A 11 17.88 -7.06 23.42
N PHE A 12 18.99 -6.54 23.92
CA PHE A 12 20.23 -7.34 23.99
C PHE A 12 20.61 -7.78 25.39
N ASN A 13 19.70 -7.64 26.36
CA ASN A 13 19.96 -8.21 27.68
C ASN A 13 19.59 -9.67 27.77
N ASN A 14 19.52 -10.18 29.00
N ASN A 14 19.51 -10.16 29.01
CA ASN A 14 19.28 -11.60 29.23
CA ASN A 14 19.29 -11.56 29.31
C ASN A 14 17.81 -11.99 29.18
C ASN A 14 17.81 -11.97 29.26
N ASP A 15 16.93 -10.98 29.16
CA ASP A 15 15.51 -11.27 29.00
C ASP A 15 15.27 -11.61 27.54
N ILE A 16 15.11 -12.90 27.25
CA ILE A 16 14.75 -13.35 25.91
C ILE A 16 13.60 -12.51 25.35
N LYS A 17 13.81 -11.98 24.15
CA LYS A 17 12.77 -11.19 23.50
C LYS A 17 12.63 -11.57 22.03
N LEU A 18 11.42 -11.41 21.51
CA LEU A 18 11.13 -11.65 20.09
C LEU A 18 10.39 -10.46 19.49
N PHE A 19 10.79 -10.08 18.28
CA PHE A 19 10.01 -9.17 17.45
C PHE A 19 9.07 -9.98 16.59
N VAL A 20 7.84 -9.51 16.44
CA VAL A 20 6.91 -10.18 15.55
C VAL A 20 6.44 -9.20 14.49
N ASP A 21 6.67 -9.53 13.23
CA ASP A 21 6.20 -8.68 12.13
C ASP A 21 5.22 -9.43 11.28
N ASP A 22 4.03 -8.83 11.09
CA ASP A 22 2.94 -9.48 10.35
C ASP A 22 2.69 -8.84 8.98
N THR A 23 3.64 -8.04 8.50
N THR A 23 3.64 -8.05 8.48
CA THR A 23 3.42 -7.26 7.28
CA THR A 23 3.35 -7.27 7.28
C THR A 23 3.25 -8.19 6.08
C THR A 23 3.38 -8.12 6.01
N ASN A 24 3.98 -9.30 6.10
CA ASN A 24 4.03 -10.22 4.97
C ASN A 24 3.15 -11.45 5.11
N VAL A 25 2.21 -11.42 6.05
CA VAL A 25 1.33 -12.55 6.28
C VAL A 25 0.29 -12.70 5.15
N TYR A 26 -0.42 -11.61 4.87
CA TYR A 26 -1.43 -11.60 3.80
C TYR A 26 -0.85 -10.96 2.55
N ARG A 27 -0.70 -11.74 1.48
CA ARG A 27 -0.02 -11.21 0.30
C ARG A 27 -0.79 -11.55 -0.97
N VAL A 28 -0.81 -10.62 -1.91
CA VAL A 28 -1.43 -10.90 -3.21
C VAL A 28 -0.47 -10.60 -4.36
N THR A 29 -0.79 -11.14 -5.52
CA THR A 29 -0.16 -10.74 -6.75
C THR A 29 -1.32 -10.36 -7.68
N VAL A 30 -1.00 -9.63 -8.76
CA VAL A 30 -1.98 -9.18 -9.71
C VAL A 30 -1.68 -9.97 -10.97
N HIS A 31 -2.70 -10.50 -11.61
CA HIS A 31 -2.45 -11.38 -12.75
C HIS A 31 -3.59 -11.21 -13.75
N LYS A 32 -3.39 -11.71 -14.96
CA LYS A 32 -4.41 -11.59 -16.00
C LYS A 32 -5.20 -12.90 -15.99
N THR A 33 -6.54 -12.83 -16.01
CA THR A 33 -7.38 -14.04 -15.96
C THR A 33 -7.65 -14.57 -17.36
N PHE A 34 -8.14 -15.80 -17.44
CA PHE A 34 -8.38 -16.43 -18.73
C PHE A 34 -9.33 -15.66 -19.67
N GLU A 35 -10.18 -14.81 -19.11
CA GLU A 35 -11.04 -14.00 -19.97
C GLU A 35 -10.33 -12.72 -20.41
N GLY A 36 -9.23 -12.40 -19.76
CA GLY A 36 -8.43 -11.24 -20.11
C GLY A 36 -8.63 -10.05 -19.17
N ASN A 37 -9.37 -10.28 -18.11
CA ASN A 37 -9.50 -9.31 -17.04
C ASN A 37 -8.25 -9.29 -16.17
N VAL A 38 -8.16 -8.30 -15.31
CA VAL A 38 -7.09 -8.34 -14.31
C VAL A 38 -7.66 -8.69 -12.91
N ALA A 39 -6.93 -9.47 -12.13
CA ALA A 39 -7.39 -9.82 -10.79
C ALA A 39 -6.24 -9.99 -9.82
N THR A 40 -6.54 -9.91 -8.53
CA THR A 40 -5.59 -10.32 -7.50
C THR A 40 -5.73 -11.83 -7.27
N LYS A 41 -4.65 -12.47 -6.85
CA LYS A 41 -4.60 -13.89 -6.48
C LYS A 41 -3.69 -14.00 -5.24
N ALA A 42 -4.18 -14.63 -4.18
CA ALA A 42 -3.38 -14.75 -2.95
C ALA A 42 -2.12 -15.54 -3.22
N ILE A 43 -1.03 -15.21 -2.51
CA ILE A 43 0.21 -15.95 -2.60
C ILE A 43 0.68 -16.22 -1.18
N ASN A 44 1.59 -17.18 -1.02
CA ASN A 44 2.06 -17.56 0.31
C ASN A 44 2.64 -16.35 1.02
N GLY A 45 2.44 -16.27 2.33
CA GLY A 45 3.02 -15.20 3.12
C GLY A 45 3.87 -15.79 4.22
N CYS A 46 4.27 -14.95 5.18
CA CYS A 46 5.05 -15.48 6.31
C CYS A 46 4.88 -14.58 7.51
N ILE A 47 5.04 -15.17 8.70
CA ILE A 47 5.20 -14.41 9.91
C ILE A 47 6.70 -14.37 10.20
N PHE A 48 7.19 -13.18 10.47
CA PHE A 48 8.62 -12.94 10.72
C PHE A 48 8.76 -12.77 12.21
N THR A 49 9.32 -13.77 12.87
CA THR A 49 9.51 -13.74 14.32
C THR A 49 10.99 -13.88 14.59
N LEU A 50 11.59 -12.86 15.20
CA LEU A 50 13.06 -12.76 15.33
C LEU A 50 13.50 -12.54 16.77
N ASN A 51 14.51 -13.30 17.20
CA ASN A 51 15.26 -12.98 18.42
C ASN A 51 16.45 -12.12 18.02
N PRO A 52 16.42 -10.84 18.39
CA PRO A 52 17.43 -9.89 17.91
C PRO A 52 18.74 -10.08 18.62
N LYS A 53 18.73 -10.84 19.71
CA LYS A 53 19.97 -11.09 20.43
CA LYS A 53 19.96 -11.10 20.45
C LYS A 53 20.73 -12.25 19.80
N THR A 54 20.02 -13.28 19.39
CA THR A 54 20.71 -14.48 18.90
C THR A 54 20.69 -14.59 17.39
N GLY A 55 19.86 -13.79 16.74
CA GLY A 55 19.66 -13.90 15.31
C GLY A 55 18.64 -14.97 14.84
N HIS A 56 18.08 -15.73 15.76
CA HIS A 56 17.20 -16.84 15.36
C HIS A 56 15.91 -16.31 14.76
N LEU A 57 15.61 -16.74 13.54
CA LEU A 57 14.45 -16.26 12.81
C LEU A 57 13.50 -17.45 12.65
N PHE A 58 12.32 -17.34 13.24
CA PHE A 58 11.29 -18.37 13.14
C PHE A 58 10.35 -17.92 12.02
N LEU A 59 10.55 -18.46 10.83
CA LEU A 59 9.77 -18.03 9.69
C LEU A 59 8.60 -18.99 9.49
N LYS A 60 7.42 -18.60 9.95
CA LYS A 60 6.24 -19.44 9.78
C LYS A 60 5.58 -19.12 8.47
N ILE A 61 5.54 -20.10 7.58
CA ILE A 61 5.01 -19.85 6.26
C ILE A 61 3.51 -19.96 6.28
N ILE A 62 2.85 -18.94 5.74
CA ILE A 62 1.39 -18.91 5.70
C ILE A 62 0.95 -19.35 4.32
N HIS A 63 0.36 -20.54 4.23
CA HIS A 63 -0.06 -21.09 2.93
C HIS A 63 -1.38 -20.46 2.48
N THR A 64 -1.55 -20.26 1.18
CA THR A 64 -2.79 -19.66 0.64
C THR A 64 -4.09 -20.36 1.05
N SER A 65 -4.00 -21.64 1.39
CA SER A 65 -5.20 -22.40 1.79
C SER A 65 -5.89 -21.80 3.02
N VAL A 66 -5.13 -21.08 3.82
CA VAL A 66 -5.64 -20.40 4.99
C VAL A 66 -6.71 -19.38 4.62
N TRP A 67 -6.55 -18.75 3.47
CA TRP A 67 -7.48 -17.71 3.04
C TRP A 67 -8.71 -18.21 2.28
N ALA A 68 -8.61 -19.38 1.64
CA ALA A 68 -9.62 -19.87 0.71
C ALA A 68 -11.06 -19.77 1.24
N GLY A 69 -11.84 -18.88 0.62
CA GLY A 69 -13.24 -18.69 0.95
C GLY A 69 -13.49 -18.10 2.33
N GLN A 70 -12.55 -17.28 2.79
CA GLN A 70 -12.61 -16.74 4.14
C GLN A 70 -13.10 -15.30 4.13
N LYS A 71 -13.84 -14.94 5.17
CA LYS A 71 -14.39 -13.59 5.27
C LYS A 71 -13.58 -12.77 6.27
N ARG A 72 -13.69 -11.45 6.16
CA ARG A 72 -13.05 -10.54 7.11
C ARG A 72 -11.56 -10.86 7.25
N LEU A 73 -10.82 -10.60 6.17
CA LEU A 73 -9.46 -11.10 6.01
C LEU A 73 -8.41 -10.44 6.90
N SER A 74 -8.46 -9.12 7.02
CA SER A 74 -7.51 -8.41 7.86
C SER A 74 -7.69 -8.85 9.31
N GLN A 75 -8.93 -9.16 9.67
CA GLN A 75 -9.22 -9.74 10.97
C GLN A 75 -8.56 -11.10 11.11
N LEU A 76 -8.74 -11.94 10.11
CA LEU A 76 -8.20 -13.30 10.14
C LEU A 76 -6.67 -13.32 10.18
N ALA A 77 -6.04 -12.48 9.37
CA ALA A 77 -4.58 -12.42 9.27
C ALA A 77 -3.92 -12.18 10.64
N LYS A 78 -4.51 -11.29 11.41
CA LYS A 78 -3.98 -10.93 12.71
C LYS A 78 -4.23 -12.04 13.71
N ALA A 79 -5.43 -12.61 13.66
CA ALA A 79 -5.78 -13.78 14.44
C ALA A 79 -4.82 -14.91 14.13
N LYS A 80 -4.64 -15.20 12.84
CA LYS A 80 -3.71 -16.24 12.40
C LYS A 80 -2.29 -16.00 12.93
N THR A 81 -1.86 -14.74 12.87
CA THR A 81 -0.53 -14.37 13.33
C THR A 81 -0.40 -14.64 14.81
N ALA A 82 -1.38 -14.16 15.58
CA ALA A 82 -1.39 -14.34 17.02
C ALA A 82 -1.41 -15.82 17.39
N GLU A 83 -2.27 -16.59 16.72
CA GLU A 83 -2.39 -18.04 16.98
C GLU A 83 -1.04 -18.74 16.87
N GLU A 84 -0.36 -18.44 15.77
CA GLU A 84 0.89 -19.11 15.43
C GLU A 84 2.02 -18.69 16.37
N VAL A 85 2.10 -17.41 16.71
CA VAL A 85 3.13 -16.96 17.64
C VAL A 85 2.93 -17.63 18.99
N SER A 86 1.68 -17.63 19.47
N SER A 86 1.69 -17.64 19.48
CA SER A 86 1.36 -18.29 20.74
CA SER A 86 1.38 -18.29 20.73
C SER A 86 1.67 -19.80 20.69
C SER A 86 1.69 -19.79 20.68
N ALA A 87 1.35 -20.44 19.57
CA ALA A 87 1.64 -21.88 19.42
C ALA A 87 3.15 -22.19 19.44
N LEU A 88 3.94 -21.32 18.83
CA LEU A 88 5.38 -21.44 18.89
C LEU A 88 5.84 -21.36 20.35
N VAL A 89 5.42 -20.28 21.02
CA VAL A 89 5.85 -20.03 22.40
C VAL A 89 5.48 -21.24 23.25
N ARG A 90 4.25 -21.71 23.08
N ARG A 90 4.24 -21.67 23.09
CA ARG A 90 3.69 -22.82 23.84
CA ARG A 90 3.69 -22.81 23.80
C ARG A 90 4.44 -24.14 23.64
C ARG A 90 4.57 -24.05 23.69
N SER A 91 5.14 -24.26 22.51
CA SER A 91 5.91 -25.49 22.21
C SER A 91 7.30 -25.50 22.84
N LEU A 92 7.77 -24.33 23.24
CA LEU A 92 9.11 -24.18 23.79
C LEU A 92 9.11 -24.48 25.27
N PRO A 93 10.21 -25.02 25.78
CA PRO A 93 10.31 -25.20 27.24
C PRO A 93 10.28 -23.82 27.90
N LYS A 94 9.89 -23.77 29.16
CA LYS A 94 9.78 -22.49 29.87
C LYS A 94 11.02 -21.62 29.75
N GLU A 95 12.19 -22.22 29.87
CA GLU A 95 13.43 -21.46 29.87
C GLU A 95 13.77 -20.86 28.49
N GLU A 96 13.06 -21.29 27.46
CA GLU A 96 13.27 -20.76 26.11
C GLU A 96 12.18 -19.77 25.70
N GLN A 97 11.15 -19.67 26.51
CA GLN A 97 10.05 -18.76 26.24
C GLN A 97 10.52 -17.33 26.46
N PRO A 98 10.12 -16.43 25.55
CA PRO A 98 10.54 -15.03 25.68
C PRO A 98 9.91 -14.35 26.90
N LYS A 99 10.56 -13.32 27.45
CA LYS A 99 9.94 -12.51 28.51
C LYS A 99 9.07 -11.42 27.88
N GLN A 100 9.44 -10.98 26.69
CA GLN A 100 8.71 -9.93 26.00
C GLN A 100 8.57 -10.29 24.52
N ILE A 101 7.43 -9.94 23.95
CA ILE A 101 7.25 -10.03 22.52
C ILE A 101 6.92 -8.62 22.05
N ILE A 102 7.68 -8.13 21.07
CA ILE A 102 7.49 -6.76 20.58
C ILE A 102 6.88 -6.79 19.18
N VAL A 103 5.68 -6.25 19.04
CA VAL A 103 5.03 -6.28 17.74
C VAL A 103 5.38 -5.01 16.98
N THR A 104 5.69 -5.14 15.69
CA THR A 104 6.10 -4.00 14.88
C THR A 104 4.92 -3.14 14.44
N ARG A 105 3.70 -3.65 14.59
CA ARG A 105 2.50 -2.88 14.29
C ARG A 105 1.57 -2.91 15.49
N LYS A 106 1.12 -1.73 15.93
CA LYS A 106 0.24 -1.61 17.09
C LYS A 106 -1.06 -2.43 16.94
N ALA A 107 -1.52 -2.60 15.71
CA ALA A 107 -2.70 -3.39 15.44
C ALA A 107 -2.54 -4.83 15.91
N MET A 108 -1.31 -5.28 16.10
CA MET A 108 -1.08 -6.67 16.48
C MET A 108 -1.14 -6.85 17.98
N LEU A 109 -1.15 -5.74 18.71
N LEU A 109 -1.15 -5.75 18.71
CA LEU A 109 -1.05 -5.75 20.17
CA LEU A 109 -1.06 -5.77 20.18
C LEU A 109 -2.17 -6.53 20.83
C LEU A 109 -2.18 -6.56 20.83
N ASP A 110 -3.42 -6.12 20.60
CA ASP A 110 -4.57 -6.75 21.26
C ASP A 110 -4.79 -8.21 20.85
N PRO A 111 -4.73 -8.52 19.53
CA PRO A 111 -4.87 -9.93 19.13
C PRO A 111 -3.84 -10.84 19.80
N LEU A 112 -2.59 -10.40 19.87
CA LEU A 112 -1.57 -11.23 20.49
C LEU A 112 -1.79 -11.36 21.99
N GLU A 113 -2.20 -10.27 22.64
CA GLU A 113 -2.47 -10.29 24.08
C GLU A 113 -3.58 -11.28 24.39
N VAL A 114 -4.60 -11.31 23.54
CA VAL A 114 -5.71 -12.24 23.69
C VAL A 114 -5.23 -13.69 23.57
N HIS A 115 -4.29 -13.94 22.66
CA HIS A 115 -3.88 -15.32 22.42
C HIS A 115 -2.81 -15.76 23.38
N MET A 116 -2.29 -14.83 24.19
CA MET A 116 -1.20 -15.12 25.11
C MET A 116 -1.63 -15.15 26.57
N LEU A 117 -2.96 -15.17 26.80
CA LEU A 117 -3.51 -15.25 28.16
C LEU A 117 -2.89 -16.36 29.02
N ASP A 118 -2.48 -17.45 28.38
CA ASP A 118 -1.90 -18.60 29.07
C ASP A 118 -0.50 -18.31 29.56
N PHE A 119 0.04 -17.16 29.17
CA PHE A 119 1.40 -16.80 29.51
C PHE A 119 1.46 -15.47 30.23
N PRO A 120 1.05 -15.46 31.49
CA PRO A 120 0.94 -14.20 32.22
C PRO A 120 2.28 -13.50 32.37
N ASN A 121 3.39 -14.22 32.28
CA ASN A 121 4.69 -13.62 32.53
C ASN A 121 5.33 -13.10 31.28
N ILE A 122 4.61 -13.16 30.16
CA ILE A 122 5.16 -12.65 28.90
C ILE A 122 4.52 -11.30 28.60
N ALA A 123 5.35 -10.26 28.52
CA ALA A 123 4.85 -8.91 28.23
C ALA A 123 4.74 -8.66 26.72
N ILE A 124 3.55 -8.30 26.26
CA ILE A 124 3.36 -7.91 24.86
C ILE A 124 3.47 -6.38 24.75
N ARG A 125 4.35 -5.89 23.88
CA ARG A 125 4.66 -4.46 23.80
C ARG A 125 4.63 -3.94 22.38
N PRO A 126 4.13 -2.70 22.21
CA PRO A 126 4.21 -2.01 20.92
C PRO A 126 5.59 -1.36 20.80
N THR A 127 5.87 -0.77 19.65
CA THR A 127 7.12 -0.04 19.49
C THR A 127 6.93 1.24 18.66
N GLU A 128 7.74 2.25 18.95
N GLU A 128 7.76 2.23 18.93
CA GLU A 128 7.73 3.48 18.17
CA GLU A 128 7.72 3.47 18.16
C GLU A 128 8.65 3.33 16.96
C GLU A 128 8.82 3.45 17.11
N LEU A 129 9.48 2.30 16.99
CA LEU A 129 10.45 2.05 15.91
C LEU A 129 9.72 1.50 14.70
N ARG A 130 9.91 2.11 13.53
CA ARG A 130 9.28 1.59 12.31
C ARG A 130 10.26 0.70 11.56
N LEU A 131 10.53 -0.46 12.15
CA LEU A 131 11.60 -1.36 11.71
C LEU A 131 11.33 -1.89 10.31
N PRO A 132 12.41 -2.15 9.55
CA PRO A 132 12.21 -2.52 8.14
C PRO A 132 12.04 -4.02 7.91
N PHE A 133 11.37 -4.74 8.81
CA PHE A 133 11.29 -6.19 8.62
C PHE A 133 10.41 -6.61 7.44
N SER A 134 9.58 -5.68 6.92
CA SER A 134 8.79 -5.98 5.72
C SER A 134 9.69 -6.37 4.58
N ALA A 135 10.95 -5.89 4.61
CA ALA A 135 11.88 -6.16 3.53
C ALA A 135 12.45 -7.57 3.59
N ALA A 136 11.99 -8.38 4.54
CA ALA A 136 12.43 -9.77 4.61
C ALA A 136 12.18 -10.48 3.29
N MET A 137 11.06 -10.15 2.64
CA MET A 137 10.73 -10.80 1.39
C MET A 137 11.58 -10.33 0.20
N SER A 138 12.57 -9.48 0.47
CA SER A 138 13.53 -9.05 -0.54
C SER A 138 14.83 -9.84 -0.45
N ILE A 139 15.00 -10.57 0.66
CA ILE A 139 16.07 -11.56 0.74
C ILE A 139 15.69 -12.79 -0.07
N ASP A 140 16.48 -13.11 -1.10
CA ASP A 140 16.07 -14.12 -2.08
C ASP A 140 15.79 -15.50 -1.50
N LYS A 141 16.62 -15.93 -0.54
CA LYS A 141 16.45 -17.25 0.03
C LYS A 141 15.17 -17.34 0.84
N LEU A 142 14.82 -16.28 1.56
CA LEU A 142 13.57 -16.25 2.30
C LEU A 142 12.40 -16.22 1.33
N SER A 143 12.50 -15.38 0.32
CA SER A 143 11.43 -15.23 -0.65
C SER A 143 11.14 -16.56 -1.38
N ASP A 144 12.19 -17.29 -1.76
CA ASP A 144 12.01 -18.55 -2.45
C ASP A 144 11.39 -19.65 -1.58
N VAL A 145 11.82 -19.75 -0.32
CA VAL A 145 11.28 -20.81 0.53
C VAL A 145 9.78 -20.57 0.78
N VAL A 146 9.40 -19.30 0.91
CA VAL A 146 8.00 -18.98 1.08
C VAL A 146 7.21 -19.35 -0.17
N MET A 147 7.69 -18.91 -1.32
CA MET A 147 6.93 -19.16 -2.56
C MET A 147 6.84 -20.64 -2.96
N LYS A 148 7.84 -21.43 -2.61
CA LYS A 148 7.81 -22.84 -2.97
C LYS A 148 6.98 -23.71 -2.02
N ALA A 149 6.66 -23.19 -0.83
CA ALA A 149 5.91 -23.96 0.14
C ALA A 149 4.55 -24.45 -0.37
N THR A 150 4.26 -25.73 -0.14
CA THR A 150 3.01 -26.34 -0.58
C THR A 150 2.10 -26.73 0.58
N GLU A 151 2.53 -26.41 1.79
CA GLU A 151 1.72 -26.60 2.98
C GLU A 151 2.25 -25.72 4.10
N PRO A 152 1.45 -25.51 5.16
CA PRO A 152 1.96 -24.77 6.32
C PRO A 152 3.22 -25.44 6.85
N GLN A 153 4.17 -24.64 7.32
CA GLN A 153 5.42 -25.15 7.89
C GLN A 153 6.18 -23.98 8.49
N MET A 154 7.08 -24.29 9.42
CA MET A 154 7.98 -23.29 9.97
C MET A 154 9.40 -23.62 9.55
N VAL A 155 10.16 -22.60 9.10
CA VAL A 155 11.58 -22.77 8.80
C VAL A 155 12.39 -21.84 9.70
N LEU A 156 13.52 -22.29 10.20
CA LEU A 156 14.33 -21.53 11.15
C LEU A 156 15.66 -21.17 10.46
N PHE A 157 16.13 -19.94 10.63
CA PHE A 157 17.40 -19.49 10.04
C PHE A 157 18.09 -18.69 11.13
N ASN A 158 19.42 -18.48 11.01
CA ASN A 158 20.08 -17.40 11.73
C ASN A 158 20.24 -16.21 10.78
N ILE A 159 19.45 -15.18 11.00
CA ILE A 159 19.47 -14.04 10.08
C ILE A 159 20.77 -13.24 10.16
N TYR A 160 21.59 -13.52 11.18
CA TYR A 160 22.94 -12.94 11.29
C TYR A 160 24.06 -13.86 10.73
N ASP A 161 23.68 -14.95 10.04
CA ASP A 161 24.68 -15.92 9.55
C ASP A 161 25.63 -16.28 10.70
N ASP A 162 26.93 -16.15 10.50
CA ASP A 162 27.90 -16.40 11.56
C ASP A 162 28.49 -15.11 12.20
N TRP A 163 27.85 -13.97 12.00
CA TRP A 163 28.43 -12.68 12.45
C TRP A 163 28.77 -12.66 13.95
N LEU A 164 27.93 -13.33 14.75
CA LEU A 164 28.12 -13.27 16.19
C LEU A 164 29.40 -13.98 16.67
N ASP A 165 30.07 -14.71 15.79
CA ASP A 165 31.41 -15.19 16.11
C ASP A 165 32.41 -14.04 16.21
N ARG A 166 32.09 -12.94 15.53
CA ARG A 166 33.03 -11.84 15.39
C ARG A 166 32.54 -10.51 15.98
N ILE A 167 31.23 -10.28 15.98
CA ILE A 167 30.70 -8.99 16.46
C ILE A 167 29.64 -9.20 17.53
N SER A 168 29.27 -8.12 18.23
CA SER A 168 28.25 -8.21 19.26
C SER A 168 26.83 -8.25 18.66
N SER A 169 25.84 -8.56 19.49
N SER A 169 25.84 -8.55 19.50
CA SER A 169 24.45 -8.52 19.06
CA SER A 169 24.46 -8.55 19.06
C SER A 169 24.05 -7.10 18.66
C SER A 169 23.99 -7.13 18.72
N TYR A 170 24.51 -6.14 19.42
CA TYR A 170 24.18 -4.75 19.12
C TYR A 170 24.66 -4.43 17.69
N THR A 171 25.88 -4.85 17.37
CA THR A 171 26.44 -4.54 16.05
C THR A 171 25.75 -5.29 14.93
N ALA A 172 25.40 -6.54 15.19
CA ALA A 172 24.74 -7.41 14.22
C ALA A 172 23.35 -6.89 13.89
N PHE A 173 22.62 -6.47 14.92
CA PHE A 173 21.29 -5.91 14.74
C PHE A 173 21.37 -4.59 13.96
N SER A 174 22.41 -3.79 14.24
CA SER A 174 22.62 -2.54 13.50
C SER A 174 22.87 -2.84 12.04
N ARG A 175 23.73 -3.81 11.77
CA ARG A 175 23.98 -4.21 10.39
C ARG A 175 22.71 -4.73 9.68
N LEU A 176 21.97 -5.60 10.36
CA LEU A 176 20.74 -6.17 9.79
C LEU A 176 19.74 -5.07 9.42
N THR A 177 19.52 -4.15 10.35
CA THR A 177 18.52 -3.10 10.15
C THR A 177 18.96 -2.19 9.02
N LEU A 178 20.27 -1.94 8.91
CA LEU A 178 20.80 -1.17 7.80
C LEU A 178 20.56 -1.86 6.47
N LEU A 179 20.81 -3.17 6.41
CA LEU A 179 20.64 -3.91 5.17
C LEU A 179 19.16 -3.92 4.75
N LEU A 180 18.29 -4.16 5.72
CA LEU A 180 16.85 -4.26 5.44
C LEU A 180 16.29 -2.90 5.07
N ARG A 181 16.75 -1.85 5.76
CA ARG A 181 16.32 -0.49 5.44
C ARG A 181 16.72 -0.10 4.01
N ALA A 182 17.93 -0.48 3.62
CA ALA A 182 18.41 -0.19 2.29
C ALA A 182 17.61 -0.98 1.27
N LEU A 183 17.35 -2.25 1.57
CA LEU A 183 16.58 -3.10 0.66
C LEU A 183 15.17 -2.55 0.50
N LYS A 184 14.62 -1.99 1.58
CA LYS A 184 13.30 -1.41 1.55
C LYS A 184 13.29 -0.13 0.72
N THR A 185 14.36 0.64 0.86
CA THR A 185 14.46 1.93 0.16
C THR A 185 14.66 1.79 -1.35
N ASN A 186 15.62 0.97 -1.75
CA ASN A 186 15.89 0.74 -3.16
C ASN A 186 16.47 -0.65 -3.35
N GLU A 187 15.58 -1.61 -3.56
CA GLU A 187 15.94 -3.03 -3.63
C GLU A 187 17.03 -3.26 -4.65
N GLU A 188 16.84 -2.74 -5.85
CA GLU A 188 17.74 -3.00 -6.96
C GLU A 188 19.16 -2.48 -6.66
N SER A 189 19.24 -1.26 -6.13
CA SER A 189 20.55 -0.70 -5.80
C SER A 189 21.19 -1.44 -4.65
N ALA A 190 20.40 -1.82 -3.65
CA ALA A 190 20.92 -2.56 -2.50
C ALA A 190 21.52 -3.90 -2.91
N LYS A 191 20.82 -4.64 -3.75
CA LYS A 191 21.33 -5.90 -4.26
C LYS A 191 22.58 -5.71 -5.13
N MET A 192 22.64 -4.61 -5.87
CA MET A 192 23.84 -4.31 -6.66
C MET A 192 25.07 -4.12 -5.76
N ILE A 193 24.87 -3.40 -4.65
CA ILE A 193 25.94 -3.26 -3.66
C ILE A 193 26.38 -4.62 -3.12
N LEU A 194 25.41 -5.47 -2.81
CA LEU A 194 25.69 -6.79 -2.23
C LEU A 194 26.44 -7.70 -3.21
N LEU A 195 26.13 -7.54 -4.49
CA LEU A 195 26.69 -8.41 -5.51
C LEU A 195 27.84 -7.74 -6.24
N SER A 196 28.44 -6.72 -5.63
CA SER A 196 29.40 -5.89 -6.35
C SER A 196 30.68 -6.63 -6.73
N ASP A 197 31.02 -7.70 -6.00
CA ASP A 197 32.28 -8.38 -6.28
C ASP A 197 32.32 -9.18 -7.61
N PRO A 198 31.33 -10.06 -7.87
CA PRO A 198 30.32 -10.68 -7.02
C PRO A 198 30.88 -12.03 -6.62
N THR A 199 32.19 -12.17 -6.69
CA THR A 199 32.86 -13.43 -6.40
C THR A 199 32.75 -13.81 -4.94
N ILE A 200 32.74 -12.80 -4.06
CA ILE A 200 32.47 -13.03 -2.64
C ILE A 200 31.14 -13.74 -2.58
N THR A 201 31.14 -14.99 -2.15
CA THR A 201 29.92 -15.80 -2.21
C THR A 201 29.11 -15.92 -0.92
N ILE A 202 27.88 -16.38 -1.09
CA ILE A 202 26.97 -16.70 -0.01
C ILE A 202 27.04 -18.20 0.24
N LYS A 203 27.46 -18.59 1.45
CA LYS A 203 27.48 -19.98 1.85
C LYS A 203 26.07 -20.52 1.72
N SER A 204 25.94 -21.80 1.38
CA SER A 204 24.65 -22.44 1.20
C SER A 204 23.72 -22.29 2.41
N TYR A 205 24.29 -22.32 3.61
CA TYR A 205 23.52 -22.21 4.86
C TYR A 205 23.44 -20.75 5.36
N HIS A 206 23.74 -19.80 4.49
CA HIS A 206 23.71 -18.38 4.90
C HIS A 206 22.72 -17.54 4.11
N LEU A 207 22.35 -16.39 4.65
CA LEU A 207 21.55 -15.44 3.89
C LEU A 207 22.39 -14.36 3.17
N TRP A 208 23.54 -14.01 3.72
CA TRP A 208 24.32 -12.87 3.22
C TRP A 208 25.71 -13.32 2.73
N PRO A 209 26.42 -12.46 1.97
CA PRO A 209 27.77 -12.81 1.50
C PRO A 209 28.77 -12.90 2.64
N SER A 210 29.84 -13.66 2.39
CA SER A 210 30.91 -13.88 3.34
C SER A 210 31.92 -12.72 3.32
N PHE A 211 31.47 -11.51 3.61
CA PHE A 211 32.38 -10.37 3.68
C PHE A 211 33.31 -10.46 4.89
N THR A 212 34.52 -9.94 4.73
CA THR A 212 35.48 -9.82 5.82
C THR A 212 35.04 -8.69 6.71
N ASP A 213 35.67 -8.55 7.87
CA ASP A 213 35.28 -7.52 8.82
C ASP A 213 35.38 -6.10 8.22
N GLU A 214 36.48 -5.84 7.52
CA GLU A 214 36.69 -4.53 6.95
C GLU A 214 35.80 -4.31 5.73
N GLN A 215 35.52 -5.39 5.00
CA GLN A 215 34.59 -5.32 3.88
C GLN A 215 33.16 -4.94 4.32
N TRP A 216 32.73 -5.46 5.46
CA TRP A 216 31.41 -5.12 5.96
C TRP A 216 31.34 -3.62 6.27
N ILE A 217 32.41 -3.03 6.82
CA ILE A 217 32.45 -1.58 7.09
C ILE A 217 32.11 -0.76 5.85
N THR A 218 32.59 -1.26 4.70
CA THR A 218 32.45 -0.59 3.41
C THR A 218 31.07 -0.78 2.81
N ILE A 219 30.59 -2.02 2.84
CA ILE A 219 29.24 -2.36 2.42
C ILE A 219 28.25 -1.51 3.22
N GLU A 220 28.51 -1.41 4.53
CA GLU A 220 27.64 -0.67 5.42
C GLU A 220 27.63 0.83 5.11
N SER A 221 28.79 1.38 4.78
CA SER A 221 28.83 2.80 4.44
C SER A 221 28.09 3.06 3.11
N GLN A 222 28.18 2.11 2.17
CA GLN A 222 27.44 2.23 0.91
C GLN A 222 25.95 2.09 1.10
N MET A 223 25.54 1.16 1.96
CA MET A 223 24.11 0.99 2.26
C MET A 223 23.59 2.27 2.92
N ARG A 224 24.39 2.81 3.83
N ARG A 224 24.39 2.81 3.83
CA ARG A 224 24.08 4.06 4.49
CA ARG A 224 24.04 4.06 4.50
C ARG A 224 23.92 5.21 3.47
C ARG A 224 23.93 5.22 3.48
N ASP A 225 24.87 5.28 2.54
CA ASP A 225 24.82 6.28 1.48
CA ASP A 225 24.83 6.27 1.47
C ASP A 225 23.54 6.17 0.65
N LEU A 226 23.16 4.94 0.31
CA LEU A 226 21.97 4.70 -0.49
C LEU A 226 20.74 5.27 0.21
N ILE A 227 20.63 4.98 1.49
CA ILE A 227 19.50 5.42 2.30
C ILE A 227 19.49 6.94 2.45
N LEU A 228 20.61 7.50 2.86
CA LEU A 228 20.65 8.91 3.18
C LEU A 228 20.45 9.81 1.95
N THR A 229 21.05 9.43 0.83
CA THR A 229 20.87 10.18 -0.40
C THR A 229 19.39 10.23 -0.78
N GLU A 230 18.68 9.13 -0.59
CA GLU A 230 17.27 9.10 -0.95
C GLU A 230 16.46 9.97 0.01
N TYR A 231 16.80 9.88 1.29
CA TYR A 231 16.22 10.75 2.31
C TYR A 231 16.46 12.23 1.92
N GLY A 232 17.68 12.52 1.47
CA GLY A 232 18.04 13.87 1.05
C GLY A 232 17.24 14.39 -0.15
N ARG A 233 16.92 13.51 -1.08
CA ARG A 233 16.10 13.90 -2.23
C ARG A 233 14.72 14.25 -1.77
N LYS A 234 14.17 13.41 -0.90
CA LYS A 234 12.84 13.64 -0.36
C LYS A 234 12.74 14.97 0.40
N TYR A 235 13.64 15.20 1.34
CA TYR A 235 13.46 16.29 2.28
C TYR A 235 14.32 17.54 2.04
N ASN A 236 15.24 17.47 1.09
CA ASN A 236 16.10 18.61 0.71
C ASN A 236 17.03 19.11 1.82
N VAL A 237 17.70 18.19 2.50
CA VAL A 237 18.64 18.51 3.58
CA VAL A 237 18.65 18.56 3.53
C VAL A 237 20.03 18.00 3.23
N ASN A 238 21.07 18.66 3.73
N ASN A 238 21.04 18.63 3.84
CA ASN A 238 22.41 18.13 3.52
CA ASN A 238 22.41 18.19 3.73
C ASN A 238 22.70 16.97 4.47
C ASN A 238 22.64 16.92 4.55
N ILE A 239 22.82 15.79 3.85
CA ILE A 239 23.12 14.53 4.53
C ILE A 239 24.17 14.64 5.61
N SER A 240 25.31 15.22 5.25
CA SER A 240 26.48 15.26 6.12
C SER A 240 26.23 16.02 7.42
N ALA A 241 25.23 16.89 7.42
CA ALA A 241 24.88 17.66 8.62
C ALA A 241 24.08 16.84 9.66
N LEU A 242 23.62 15.66 9.25
CA LEU A 242 22.82 14.83 10.14
C LEU A 242 23.65 14.25 11.26
N THR A 243 23.12 14.32 12.48
CA THR A 243 23.80 13.77 13.64
C THR A 243 23.74 12.25 13.64
N GLN A 244 24.56 11.65 14.50
CA GLN A 244 24.58 10.21 14.68
C GLN A 244 23.19 9.73 15.09
N THR A 245 22.57 10.43 16.04
CA THR A 245 21.27 10.01 16.55
C THR A 245 20.13 10.26 15.52
N GLU A 246 20.35 11.19 14.61
CA GLU A 246 19.42 11.40 13.49
C GLU A 246 19.50 10.25 12.47
N ILE A 247 20.71 9.82 12.15
CA ILE A 247 20.91 8.74 11.19
C ILE A 247 20.35 7.40 11.68
N LYS A 248 20.64 7.06 12.93
CA LYS A 248 20.08 5.87 13.56
C LYS A 248 18.56 5.88 13.49
N ASP A 249 17.97 7.02 13.85
CA ASP A 249 16.52 7.19 13.86
C ASP A 249 15.95 6.85 12.50
N ILE A 250 16.64 7.31 11.46
CA ILE A 250 16.22 7.02 10.10
C ILE A 250 16.25 5.52 9.83
N ILE A 251 17.38 4.89 10.13
CA ILE A 251 17.53 3.45 9.90
C ILE A 251 16.45 2.65 10.65
N LEU A 252 16.32 2.92 11.94
CA LEU A 252 15.40 2.16 12.79
C LEU A 252 13.94 2.47 12.51
N GLY A 253 13.69 3.67 11.98
CA GLY A 253 12.33 4.13 11.75
C GLY A 253 11.77 4.88 12.94
N GLN A 254 12.67 5.58 13.63
CA GLN A 254 12.43 6.65 14.65
C GLN A 254 12.97 6.38 16.06
N GLY B 1 5.09 17.37 -0.42
CA GLY B 1 5.00 18.35 -1.50
C GLY B 1 3.79 18.08 -2.38
N ALA B 2 2.90 19.07 -2.49
CA ALA B 2 1.64 18.90 -3.21
C ALA B 2 1.82 18.67 -4.71
N MET B 3 1.03 17.74 -5.27
CA MET B 3 0.96 17.61 -6.71
C MET B 3 0.04 18.71 -7.26
N ASN B 4 0.51 19.40 -8.29
CA ASN B 4 -0.25 20.50 -8.87
C ASN B 4 -0.06 20.58 -10.37
N SER B 5 -0.57 21.64 -10.99
CA SER B 5 -0.47 21.72 -12.46
C SER B 5 0.96 21.90 -12.94
N SER B 6 1.85 22.34 -12.05
CA SER B 6 3.27 22.46 -12.41
C SER B 6 4.00 21.12 -12.39
N ASN B 7 3.52 20.13 -11.62
CA ASN B 7 4.26 18.86 -11.52
C ASN B 7 3.46 17.58 -11.84
N TYR B 8 2.27 17.75 -12.41
CA TYR B 8 1.38 16.62 -12.69
C TYR B 8 2.00 15.57 -13.62
N ALA B 9 2.85 15.99 -14.55
CA ALA B 9 3.42 15.06 -15.53
C ALA B 9 4.29 13.97 -14.90
N GLU B 10 4.69 14.17 -13.65
CA GLU B 10 5.41 13.14 -12.89
C GLU B 10 4.56 11.90 -12.71
N LEU B 11 3.24 12.01 -12.87
CA LEU B 11 2.37 10.85 -12.86
C LEU B 11 2.86 9.83 -13.89
N PHE B 12 3.62 10.31 -14.87
CA PHE B 12 4.00 9.44 -15.97
C PHE B 12 5.47 9.01 -15.94
N ASN B 13 6.16 9.32 -14.85
N ASN B 13 6.15 9.35 -14.85
CA ASN B 13 7.51 8.78 -14.68
CA ASN B 13 7.50 8.83 -14.59
C ASN B 13 7.45 7.29 -14.38
C ASN B 13 7.43 7.34 -14.27
N ASN B 14 8.59 6.72 -14.04
CA ASN B 14 8.67 5.29 -13.75
C ASN B 14 8.25 4.85 -12.35
N ASP B 15 8.28 5.76 -11.39
CA ASP B 15 7.92 5.41 -10.03
C ASP B 15 6.42 5.11 -9.90
N ILE B 16 6.09 3.96 -9.33
CA ILE B 16 4.70 3.57 -9.12
C ILE B 16 3.98 4.56 -8.20
N LYS B 17 2.79 4.97 -8.60
CA LYS B 17 1.99 5.91 -7.81
C LYS B 17 0.53 5.47 -7.80
N LEU B 18 -0.18 5.76 -6.71
CA LEU B 18 -1.63 5.57 -6.67
C LEU B 18 -2.34 6.85 -6.24
N PHE B 19 -3.43 7.18 -6.92
CA PHE B 19 -4.41 8.14 -6.43
C PHE B 19 -5.34 7.43 -5.46
N VAL B 20 -5.74 8.12 -4.40
CA VAL B 20 -6.77 7.65 -3.54
C VAL B 20 -7.84 8.71 -3.42
N ASP B 21 -9.04 8.36 -3.85
CA ASP B 21 -10.19 9.25 -3.79
C ASP B 21 -11.22 8.63 -2.87
N ASP B 22 -11.61 9.41 -1.86
CA ASP B 22 -12.51 8.90 -0.82
C ASP B 22 -13.89 9.53 -0.87
N THR B 23 -14.19 10.21 -1.97
N THR B 23 -14.23 10.17 -1.99
CA THR B 23 -15.46 10.92 -2.11
CA THR B 23 -15.48 10.95 -2.03
C THR B 23 -16.64 10.01 -1.82
C THR B 23 -16.73 10.09 -2.04
N ASN B 24 -16.58 8.80 -2.37
CA ASN B 24 -17.71 7.89 -2.38
C ASN B 24 -17.68 6.81 -1.29
N VAL B 25 -16.85 7.01 -0.27
CA VAL B 25 -16.74 6.04 0.81
C VAL B 25 -17.97 5.99 1.71
N TYR B 26 -18.40 7.18 2.14
CA TYR B 26 -19.54 7.33 3.05
C TYR B 26 -20.78 7.80 2.29
N ARG B 27 -21.78 6.92 2.23
CA ARG B 27 -22.99 7.20 1.48
C ARG B 27 -24.24 6.80 2.22
N VAL B 28 -25.27 7.63 2.09
CA VAL B 28 -26.57 7.35 2.74
C VAL B 28 -27.72 7.66 1.80
N THR B 29 -28.92 7.23 2.18
CA THR B 29 -30.14 7.68 1.53
C THR B 29 -31.12 8.04 2.66
N VAL B 30 -32.01 8.98 2.42
CA VAL B 30 -32.94 9.37 3.46
C VAL B 30 -34.20 8.51 3.36
N HIS B 31 -34.65 7.97 4.49
CA HIS B 31 -35.89 7.23 4.51
C HIS B 31 -36.71 7.47 5.77
N LYS B 32 -37.84 6.79 5.85
CA LYS B 32 -38.68 6.88 7.03
C LYS B 32 -38.46 5.57 7.81
N THR B 33 -38.08 5.71 9.06
CA THR B 33 -37.79 4.57 9.91
C THR B 33 -39.08 3.80 10.17
N PHE B 34 -38.98 2.54 10.60
CA PHE B 34 -40.19 1.78 10.94
C PHE B 34 -41.14 2.56 11.87
N GLU B 35 -40.57 3.21 12.88
CA GLU B 35 -41.39 3.96 13.85
C GLU B 35 -41.90 5.30 13.28
N GLY B 36 -41.50 5.61 12.05
CA GLY B 36 -42.10 6.72 11.31
C GLY B 36 -41.24 7.97 11.25
N ASN B 37 -40.00 7.87 11.71
CA ASN B 37 -39.11 9.02 11.74
C ASN B 37 -38.19 9.11 10.53
N VAL B 38 -37.86 10.33 10.15
CA VAL B 38 -36.96 10.57 9.03
C VAL B 38 -35.55 10.27 9.51
N ALA B 39 -34.77 9.57 8.69
CA ALA B 39 -33.44 9.18 9.09
C ALA B 39 -32.60 8.90 7.86
N THR B 40 -31.29 8.99 8.01
CA THR B 40 -30.39 8.50 6.97
C THR B 40 -30.25 7.00 7.16
N LYS B 41 -30.04 6.30 6.06
CA LYS B 41 -29.77 4.87 6.12
C LYS B 41 -28.52 4.67 5.27
N ALA B 42 -27.53 3.97 5.80
CA ALA B 42 -26.28 3.77 5.07
C ALA B 42 -26.55 2.98 3.80
N ILE B 43 -25.83 3.28 2.73
CA ILE B 43 -25.81 2.45 1.53
C ILE B 43 -24.35 2.20 1.18
N ASN B 44 -24.10 1.19 0.36
CA ASN B 44 -22.72 0.80 0.06
C ASN B 44 -21.90 1.93 -0.57
N GLY B 45 -20.60 2.02 -0.24
CA GLY B 45 -19.72 2.97 -0.92
C GLY B 45 -18.44 2.30 -1.38
N CYS B 46 -17.44 3.09 -1.73
CA CYS B 46 -16.19 2.50 -2.22
C CYS B 46 -15.03 3.47 -2.08
N ILE B 47 -13.83 2.89 -1.98
CA ILE B 47 -12.60 3.66 -2.10
C ILE B 47 -12.08 3.51 -3.52
N PHE B 48 -11.76 4.62 -4.16
CA PHE B 48 -11.29 4.62 -5.54
C PHE B 48 -9.76 4.79 -5.53
N THR B 49 -9.04 3.69 -5.77
CA THR B 49 -7.59 3.68 -5.71
C THR B 49 -7.01 3.33 -7.08
N LEU B 50 -6.37 4.31 -7.71
CA LEU B 50 -6.02 4.21 -9.11
C LEU B 50 -4.52 4.41 -9.36
N ASN B 51 -3.93 3.46 -10.08
CA ASN B 51 -2.62 3.63 -10.70
C ASN B 51 -2.81 4.31 -12.06
N PRO B 52 -2.43 5.58 -12.18
CA PRO B 52 -2.69 6.38 -13.37
C PRO B 52 -1.80 5.99 -14.56
N LYS B 53 -0.72 5.27 -14.30
CA LYS B 53 0.20 4.82 -15.35
C LYS B 53 -0.34 3.54 -16.03
N THR B 54 -0.79 2.58 -15.23
CA THR B 54 -1.24 1.30 -15.77
C THR B 54 -2.74 1.14 -15.90
N GLY B 55 -3.51 2.00 -15.25
CA GLY B 55 -4.95 1.89 -15.30
C GLY B 55 -5.55 0.99 -14.24
N HIS B 56 -4.69 0.35 -13.44
CA HIS B 56 -5.17 -0.55 -12.41
C HIS B 56 -6.00 0.17 -11.32
N LEU B 57 -7.26 -0.22 -11.22
CA LEU B 57 -8.18 0.38 -10.25
C LEU B 57 -8.52 -0.68 -9.20
N PHE B 58 -8.12 -0.41 -7.97
CA PHE B 58 -8.40 -1.30 -6.86
C PHE B 58 -9.63 -0.75 -6.15
N LEU B 59 -10.80 -1.26 -6.52
CA LEU B 59 -12.02 -0.67 -6.00
C LEU B 59 -12.41 -1.38 -4.72
N LYS B 60 -12.22 -0.72 -3.58
CA LYS B 60 -12.54 -1.37 -2.33
C LYS B 60 -13.94 -1.00 -1.95
N ILE B 61 -14.80 -1.99 -1.85
CA ILE B 61 -16.20 -1.74 -1.55
C ILE B 61 -16.45 -1.64 -0.05
N ILE B 62 -17.09 -0.55 0.36
CA ILE B 62 -17.35 -0.29 1.75
C ILE B 62 -18.77 -0.71 2.03
N HIS B 63 -18.94 -1.85 2.67
CA HIS B 63 -20.26 -2.43 2.86
C HIS B 63 -20.90 -1.77 4.08
N THR B 64 -22.22 -1.72 4.09
CA THR B 64 -22.98 -0.97 5.10
C THR B 64 -22.71 -1.41 6.55
N SER B 65 -22.34 -2.67 6.72
CA SER B 65 -21.98 -3.18 8.05
C SER B 65 -20.87 -2.39 8.78
N VAL B 66 -20.00 -1.71 8.06
N VAL B 66 -19.97 -1.76 8.02
CA VAL B 66 -18.90 -1.00 8.72
CA VAL B 66 -18.91 -0.90 8.55
C VAL B 66 -19.34 0.23 9.53
C VAL B 66 -19.39 0.15 9.55
N TRP B 67 -20.51 0.79 9.24
CA TRP B 67 -20.99 1.95 9.99
C TRP B 67 -21.87 1.56 11.19
N ALA B 68 -22.13 0.27 11.32
CA ALA B 68 -23.12 -0.23 12.28
C ALA B 68 -22.79 0.11 13.72
N GLY B 69 -23.68 0.84 14.38
CA GLY B 69 -23.54 1.18 15.77
C GLY B 69 -22.38 2.11 16.07
N GLN B 70 -21.88 2.80 15.04
CA GLN B 70 -20.72 3.65 15.17
C GLN B 70 -21.08 5.13 15.34
N LYS B 71 -20.24 5.84 16.09
CA LYS B 71 -20.34 7.28 16.21
C LYS B 71 -19.20 7.92 15.46
N ARG B 72 -19.17 9.25 15.43
CA ARG B 72 -18.08 9.98 14.77
C ARG B 72 -17.82 9.47 13.35
N LEU B 73 -18.89 9.34 12.59
CA LEU B 73 -18.85 8.75 11.27
C LEU B 73 -17.86 9.42 10.32
N SER B 74 -17.77 10.74 10.35
CA SER B 74 -16.91 11.46 9.42
C SER B 74 -15.43 11.12 9.64
N GLN B 75 -15.05 11.07 10.91
CA GLN B 75 -13.70 10.69 11.31
C GLN B 75 -13.48 9.21 11.00
N LEU B 76 -14.50 8.39 11.26
CA LEU B 76 -14.39 6.96 11.03
C LEU B 76 -14.19 6.65 9.54
N ALA B 77 -14.90 7.36 8.67
CA ALA B 77 -14.80 7.13 7.22
C ALA B 77 -13.36 7.32 6.75
N LYS B 78 -12.70 8.36 7.25
CA LYS B 78 -11.32 8.66 6.87
C LYS B 78 -10.35 7.61 7.42
N ALA B 79 -10.56 7.25 8.68
CA ALA B 79 -9.77 6.18 9.29
C ALA B 79 -9.93 4.85 8.56
N LYS B 80 -11.16 4.50 8.21
CA LYS B 80 -11.41 3.25 7.50
C LYS B 80 -10.70 3.28 6.14
N THR B 81 -10.78 4.42 5.46
CA THR B 81 -10.17 4.60 4.15
C THR B 81 -8.68 4.37 4.27
N ALA B 82 -8.10 4.94 5.32
CA ALA B 82 -6.66 4.86 5.53
C ALA B 82 -6.25 3.43 5.89
N GLU B 83 -7.05 2.80 6.72
CA GLU B 83 -6.83 1.41 7.12
C GLU B 83 -6.79 0.50 5.90
N GLU B 84 -7.83 0.60 5.05
CA GLU B 84 -7.95 -0.24 3.87
C GLU B 84 -6.85 0.03 2.85
N VAL B 85 -6.52 1.29 2.64
CA VAL B 85 -5.48 1.61 1.64
C VAL B 85 -4.12 1.07 2.09
N SER B 86 -3.77 1.33 3.35
N SER B 86 -3.79 1.31 3.35
CA SER B 86 -2.52 0.82 3.89
CA SER B 86 -2.54 0.83 3.92
C SER B 86 -2.44 -0.72 3.87
C SER B 86 -2.44 -0.70 3.91
N ALA B 87 -3.55 -1.38 4.18
CA ALA B 87 -3.56 -2.86 4.17
C ALA B 87 -3.38 -3.39 2.73
N LEU B 88 -4.02 -2.72 1.76
CA LEU B 88 -3.80 -3.05 0.36
C LEU B 88 -2.33 -2.96 0.03
N VAL B 89 -1.73 -1.83 0.38
CA VAL B 89 -0.34 -1.57 0.04
C VAL B 89 0.58 -2.64 0.65
N ARG B 90 0.36 -2.93 1.94
CA ARG B 90 1.16 -3.95 2.61
C ARG B 90 1.07 -5.32 1.89
N SER B 91 -0.08 -5.60 1.27
CA SER B 91 -0.30 -6.88 0.58
C SER B 91 0.32 -6.93 -0.83
N LEU B 92 0.64 -5.76 -1.39
CA LEU B 92 0.99 -5.72 -2.82
C LEU B 92 2.43 -6.12 -3.08
N PRO B 93 2.70 -6.73 -4.24
CA PRO B 93 4.08 -7.06 -4.60
C PRO B 93 4.79 -5.81 -5.17
N LYS B 94 6.10 -5.89 -5.35
CA LYS B 94 6.90 -4.75 -5.82
CA LYS B 94 6.87 -4.73 -5.79
C LYS B 94 6.41 -4.13 -7.13
N GLU B 95 5.88 -4.95 -8.04
CA GLU B 95 5.41 -4.44 -9.33
CA GLU B 95 5.43 -4.43 -9.32
C GLU B 95 4.20 -3.53 -9.16
N GLU B 96 3.53 -3.61 -8.00
CA GLU B 96 2.29 -2.83 -7.80
C GLU B 96 2.38 -1.86 -6.64
N GLN B 97 3.30 -2.14 -5.70
CA GLN B 97 3.39 -1.31 -4.51
C GLN B 97 3.92 0.09 -4.86
N PRO B 98 3.19 1.14 -4.47
CA PRO B 98 3.56 2.54 -4.81
C PRO B 98 4.71 3.08 -4.00
N LYS B 99 5.45 4.00 -4.58
CA LYS B 99 6.40 4.84 -3.83
C LYS B 99 5.75 6.17 -3.45
N GLN B 100 4.61 6.48 -4.05
CA GLN B 100 3.86 7.69 -3.71
C GLN B 100 2.37 7.42 -3.75
N ILE B 101 1.65 8.03 -2.83
CA ILE B 101 0.19 8.00 -2.85
C ILE B 101 -0.35 9.42 -2.80
N ILE B 102 -1.17 9.77 -3.78
CA ILE B 102 -1.72 11.12 -3.86
C ILE B 102 -3.20 11.09 -3.47
N VAL B 103 -3.49 11.74 -2.35
CA VAL B 103 -4.88 11.81 -1.88
C VAL B 103 -5.57 12.99 -2.58
N THR B 104 -6.72 12.71 -3.18
CA THR B 104 -7.47 13.74 -3.90
C THR B 104 -8.07 14.78 -2.95
N ARG B 105 -8.26 14.41 -1.69
CA ARG B 105 -8.77 15.36 -0.69
C ARG B 105 -7.78 15.56 0.45
N LYS B 106 -7.52 16.82 0.81
CA LYS B 106 -6.50 17.13 1.81
C LYS B 106 -6.73 16.46 3.18
N ALA B 107 -7.98 16.34 3.59
CA ALA B 107 -8.32 15.74 4.88
C ALA B 107 -7.89 14.27 4.99
N MET B 108 -7.53 13.64 3.88
CA MET B 108 -7.05 12.24 3.92
C MET B 108 -5.54 12.14 4.15
N LEU B 109 -4.87 13.28 4.09
N LEU B 109 -4.85 13.28 4.05
CA LEU B 109 -3.41 13.33 4.23
CA LEU B 109 -3.39 13.30 4.20
C LEU B 109 -2.95 12.77 5.56
C LEU B 109 -2.94 12.77 5.56
N ASP B 110 -3.39 13.39 6.65
CA ASP B 110 -2.99 12.97 8.00
C ASP B 110 -3.39 11.54 8.36
N PRO B 111 -4.66 11.15 8.13
CA PRO B 111 -5.07 9.77 8.40
C PRO B 111 -4.21 8.71 7.65
N LEU B 112 -3.91 8.97 6.39
CA LEU B 112 -3.14 7.99 5.63
C LEU B 112 -1.68 8.03 6.05
N GLU B 113 -1.16 9.22 6.37
CA GLU B 113 0.22 9.33 6.85
C GLU B 113 0.42 8.49 8.09
N VAL B 114 -0.57 8.54 8.97
CA VAL B 114 -0.55 7.83 10.24
C VAL B 114 -0.66 6.33 10.05
N HIS B 115 -1.52 5.89 9.13
CA HIS B 115 -1.62 4.45 8.93
C HIS B 115 -0.45 3.88 8.12
N MET B 116 0.33 4.75 7.49
CA MET B 116 1.38 4.31 6.58
C MET B 116 2.78 4.53 7.14
N LEU B 117 2.89 4.66 8.46
CA LEU B 117 4.16 4.99 9.09
C LEU B 117 5.16 3.86 9.03
N ASP B 118 4.65 2.65 8.90
CA ASP B 118 5.53 1.49 8.79
C ASP B 118 6.15 1.46 7.39
N PHE B 119 5.78 2.43 6.55
CA PHE B 119 6.36 2.54 5.22
C PHE B 119 6.80 3.95 4.90
N PRO B 120 7.84 4.45 5.61
CA PRO B 120 8.29 5.84 5.45
C PRO B 120 8.85 6.10 4.06
N ASN B 121 9.24 5.04 3.38
CA ASN B 121 9.67 5.10 2.00
C ASN B 121 8.55 5.52 1.04
N ILE B 122 7.30 5.40 1.46
CA ILE B 122 6.15 5.81 0.64
C ILE B 122 5.63 7.20 1.04
N ALA B 123 5.83 8.17 0.14
CA ALA B 123 5.40 9.53 0.36
C ALA B 123 3.90 9.70 0.15
N ILE B 124 3.23 10.27 1.14
CA ILE B 124 1.82 10.61 1.02
C ILE B 124 1.74 12.08 0.65
N ARG B 125 1.09 12.37 -0.47
CA ARG B 125 1.06 13.73 -1.00
C ARG B 125 -0.36 14.20 -1.18
N PRO B 126 -0.66 15.47 -0.83
CA PRO B 126 -1.94 16.04 -1.22
C PRO B 126 -1.84 16.54 -2.66
N THR B 127 -2.94 17.07 -3.18
CA THR B 127 -2.90 17.68 -4.49
C THR B 127 -3.75 18.96 -4.55
N GLU B 128 -3.35 19.89 -5.41
N GLU B 128 -3.36 19.90 -5.41
CA GLU B 128 -4.14 21.09 -5.66
CA GLU B 128 -4.18 21.07 -5.64
C GLU B 128 -4.95 20.88 -6.94
C GLU B 128 -4.94 20.89 -6.95
N LEU B 129 -4.68 19.79 -7.65
CA LEU B 129 -5.38 19.49 -8.91
C LEU B 129 -6.87 19.28 -8.69
N ARG B 130 -7.66 19.76 -9.64
CA ARG B 130 -9.06 19.43 -9.69
C ARG B 130 -9.18 18.13 -10.51
N LEU B 131 -9.69 17.06 -9.89
CA LEU B 131 -9.83 15.78 -10.55
C LEU B 131 -11.23 15.26 -10.35
N PRO B 132 -11.74 14.53 -11.34
CA PRO B 132 -13.15 14.17 -11.39
C PRO B 132 -13.44 12.74 -10.95
N PHE B 133 -12.58 12.14 -10.13
CA PHE B 133 -12.80 10.76 -9.71
C PHE B 133 -14.06 10.58 -8.87
N SER B 134 -14.55 11.68 -8.29
CA SER B 134 -15.77 11.65 -7.51
C SER B 134 -16.95 11.19 -8.37
N ALA B 135 -16.76 11.21 -9.68
CA ALA B 135 -17.80 10.81 -10.63
C ALA B 135 -17.76 9.33 -11.00
N ALA B 136 -16.85 8.57 -10.40
CA ALA B 136 -16.72 7.13 -10.68
C ALA B 136 -18.03 6.33 -10.59
N MET B 137 -18.94 6.73 -9.69
CA MET B 137 -20.20 5.99 -9.57
C MET B 137 -21.13 6.23 -10.77
N SER B 138 -20.72 7.11 -11.69
CA SER B 138 -21.44 7.29 -12.98
C SER B 138 -21.09 6.20 -14.00
N ILE B 139 -19.98 5.50 -13.78
CA ILE B 139 -19.61 4.38 -14.64
C ILE B 139 -20.47 3.20 -14.20
N ASP B 140 -21.37 2.75 -15.09
CA ASP B 140 -22.38 1.75 -14.76
C ASP B 140 -21.82 0.46 -14.15
N LYS B 141 -20.75 -0.09 -14.70
CA LYS B 141 -20.19 -1.30 -14.12
C LYS B 141 -19.64 -1.12 -12.70
N LEU B 142 -19.04 0.04 -12.41
CA LEU B 142 -18.54 0.29 -11.06
C LEU B 142 -19.71 0.47 -10.10
N SER B 143 -20.66 1.33 -10.47
CA SER B 143 -21.85 1.54 -9.63
C SER B 143 -22.52 0.21 -9.32
N ASP B 144 -22.67 -0.63 -10.35
N ASP B 144 -22.66 -0.63 -10.36
CA ASP B 144 -23.37 -1.90 -10.22
CA ASP B 144 -23.35 -1.92 -10.27
C ASP B 144 -22.71 -2.87 -9.24
C ASP B 144 -22.71 -2.86 -9.24
N VAL B 145 -21.40 -3.05 -9.35
CA VAL B 145 -20.69 -3.94 -8.42
C VAL B 145 -20.69 -3.40 -6.98
N VAL B 146 -20.63 -2.08 -6.83
CA VAL B 146 -20.72 -1.49 -5.49
C VAL B 146 -22.10 -1.75 -4.89
N MET B 147 -23.16 -1.47 -5.64
CA MET B 147 -24.48 -1.57 -5.02
C MET B 147 -24.97 -3.01 -4.84
N LYS B 148 -24.43 -3.94 -5.61
CA LYS B 148 -24.85 -5.35 -5.49
C LYS B 148 -24.13 -6.07 -4.37
N ALA B 149 -23.07 -5.46 -3.85
CA ALA B 149 -22.21 -6.11 -2.86
C ALA B 149 -22.99 -6.45 -1.60
N THR B 150 -22.87 -7.70 -1.14
CA THR B 150 -23.54 -8.13 0.09
C THR B 150 -22.58 -8.27 1.27
N GLU B 151 -21.30 -7.94 1.04
CA GLU B 151 -20.28 -8.13 2.06
C GLU B 151 -19.07 -7.28 1.62
N PRO B 152 -18.12 -7.04 2.52
CA PRO B 152 -16.93 -6.27 2.10
C PRO B 152 -16.20 -7.02 1.00
N GLN B 153 -15.62 -6.31 0.04
N GLN B 153 -15.66 -6.29 0.03
CA GLN B 153 -14.81 -6.95 -1.00
CA GLN B 153 -15.13 -6.89 -1.19
C GLN B 153 -13.99 -5.95 -1.77
C GLN B 153 -14.23 -5.91 -1.92
N MET B 154 -13.00 -6.46 -2.49
N MET B 154 -13.19 -6.42 -2.56
CA MET B 154 -12.27 -5.63 -3.45
CA MET B 154 -12.39 -5.58 -3.45
C MET B 154 -12.47 -6.21 -4.84
C MET B 154 -12.34 -6.18 -4.84
N VAL B 155 -12.57 -5.35 -5.85
CA VAL B 155 -12.61 -5.83 -7.23
C VAL B 155 -11.61 -4.99 -8.00
N LEU B 156 -10.83 -5.65 -8.84
CA LEU B 156 -9.91 -4.96 -9.75
C LEU B 156 -10.48 -4.71 -11.13
N PHE B 157 -10.14 -3.57 -11.71
CA PHE B 157 -10.52 -3.23 -13.07
C PHE B 157 -9.32 -2.60 -13.73
N ASN B 158 -9.23 -2.70 -15.05
CA ASN B 158 -8.43 -1.72 -15.75
C ASN B 158 -9.33 -0.60 -16.25
N ILE B 159 -9.18 0.58 -15.66
CA ILE B 159 -10.04 1.71 -16.00
C ILE B 159 -9.68 2.24 -17.40
N TYR B 160 -8.54 1.83 -17.93
CA TYR B 160 -8.18 2.20 -19.30
C TYR B 160 -8.56 1.12 -20.31
N ASP B 161 -9.27 0.09 -19.85
CA ASP B 161 -9.61 -1.08 -20.71
C ASP B 161 -8.35 -1.61 -21.42
N ASP B 162 -8.34 -1.66 -22.75
CA ASP B 162 -7.14 -2.05 -23.51
C ASP B 162 -6.43 -0.88 -24.23
N TRP B 163 -6.73 0.35 -23.85
CA TRP B 163 -6.23 1.55 -24.55
C TRP B 163 -4.70 1.58 -24.63
N LEU B 164 -4.05 1.14 -23.57
CA LEU B 164 -2.59 1.20 -23.52
C LEU B 164 -1.92 0.34 -24.58
N ASP B 165 -2.67 -0.54 -25.25
CA ASP B 165 -2.14 -1.23 -26.41
C ASP B 165 -1.90 -0.27 -27.55
N ARG B 166 -2.49 0.92 -27.48
CA ARG B 166 -2.52 1.82 -28.64
C ARG B 166 -2.11 3.27 -28.34
N ILE B 167 -2.28 3.71 -27.10
CA ILE B 167 -1.91 5.07 -26.72
C ILE B 167 -1.07 5.08 -25.45
N SER B 168 -0.46 6.22 -25.16
CA SER B 168 0.41 6.35 -23.98
C SER B 168 -0.43 6.54 -22.71
N SER B 169 0.20 6.31 -21.55
N SER B 169 0.21 6.38 -21.55
CA SER B 169 -0.48 6.55 -20.29
CA SER B 169 -0.48 6.57 -20.28
C SER B 169 -0.99 7.99 -20.18
C SER B 169 -0.92 8.01 -20.07
N TYR B 170 -0.19 8.95 -20.66
CA TYR B 170 -0.57 10.37 -20.60
C TYR B 170 -1.86 10.57 -21.39
N THR B 171 -1.92 9.97 -22.56
CA THR B 171 -3.10 10.11 -23.43
C THR B 171 -4.28 9.40 -22.83
N ALA B 172 -4.04 8.23 -22.22
CA ALA B 172 -5.13 7.49 -21.59
C ALA B 172 -5.71 8.23 -20.38
N PHE B 173 -4.83 8.82 -19.59
CA PHE B 173 -5.27 9.65 -18.48
C PHE B 173 -6.07 10.86 -18.93
N SER B 174 -5.68 11.45 -20.06
CA SER B 174 -6.44 12.59 -20.61
C SER B 174 -7.83 12.12 -21.03
N ARG B 175 -7.90 10.94 -21.65
CA ARG B 175 -9.19 10.43 -22.11
C ARG B 175 -10.08 10.14 -20.92
N LEU B 176 -9.51 9.51 -19.91
CA LEU B 176 -10.25 9.13 -18.71
C LEU B 176 -10.83 10.34 -18.00
N THR B 177 -9.98 11.33 -17.74
CA THR B 177 -10.43 12.49 -17.01
C THR B 177 -11.44 13.30 -17.83
N LEU B 178 -11.26 13.35 -19.15
CA LEU B 178 -12.24 14.00 -20.01
C LEU B 178 -13.62 13.30 -19.87
N LEU B 179 -13.63 11.97 -19.94
CA LEU B 179 -14.88 11.24 -19.83
C LEU B 179 -15.55 11.46 -18.48
N LEU B 180 -14.75 11.47 -17.41
CA LEU B 180 -15.31 11.60 -16.07
C LEU B 180 -15.79 13.04 -15.81
N ARG B 181 -15.08 14.02 -16.37
N ARG B 181 -15.08 14.02 -16.37
CA ARG B 181 -15.54 15.41 -16.32
CA ARG B 181 -15.49 15.43 -16.30
C ARG B 181 -16.87 15.53 -17.03
C ARG B 181 -16.81 15.63 -17.09
N ALA B 182 -16.95 14.90 -18.18
CA ALA B 182 -18.18 14.94 -18.97
C ALA B 182 -19.34 14.28 -18.20
N LEU B 183 -19.06 13.12 -17.61
CA LEU B 183 -20.06 12.43 -16.80
C LEU B 183 -20.47 13.26 -15.61
N LYS B 184 -19.50 13.97 -15.03
CA LYS B 184 -19.79 14.86 -13.93
C LYS B 184 -20.68 16.04 -14.37
N THR B 185 -20.32 16.72 -15.46
CA THR B 185 -21.09 17.91 -15.87
C THR B 185 -22.50 17.57 -16.31
N ASN B 186 -22.65 16.50 -17.09
CA ASN B 186 -23.96 16.12 -17.57
C ASN B 186 -24.03 14.64 -17.87
N GLU B 187 -24.35 13.84 -16.85
CA GLU B 187 -24.27 12.38 -16.96
C GLU B 187 -25.08 11.82 -18.12
N GLU B 188 -26.33 12.29 -18.24
CA GLU B 188 -27.24 11.83 -19.27
C GLU B 188 -26.71 12.08 -20.68
N SER B 189 -26.25 13.29 -20.92
CA SER B 189 -25.71 13.63 -22.23
C SER B 189 -24.44 12.84 -22.53
N ALA B 190 -23.61 12.67 -21.50
CA ALA B 190 -22.37 11.93 -21.68
C ALA B 190 -22.68 10.48 -22.05
N LYS B 191 -23.64 9.85 -21.36
CA LYS B 191 -23.96 8.46 -21.65
C LYS B 191 -24.56 8.30 -23.04
N MET B 192 -25.40 9.25 -23.44
CA MET B 192 -25.98 9.24 -24.77
C MET B 192 -24.90 9.27 -25.84
N ILE B 193 -23.91 10.13 -25.65
CA ILE B 193 -22.79 10.17 -26.58
C ILE B 193 -22.12 8.79 -26.68
N LEU B 194 -21.85 8.18 -25.54
CA LEU B 194 -21.20 6.88 -25.51
C LEU B 194 -22.05 5.77 -26.11
N LEU B 195 -23.36 5.93 -26.14
CA LEU B 195 -24.25 4.92 -26.68
C LEU B 195 -24.82 5.27 -28.04
N SER B 196 -24.38 6.38 -28.62
CA SER B 196 -25.01 6.90 -29.83
C SER B 196 -25.00 5.91 -31.00
N ASP B 197 -23.97 5.06 -31.07
CA ASP B 197 -23.93 3.97 -32.05
C ASP B 197 -24.21 2.61 -31.38
N PRO B 198 -25.43 2.10 -31.60
CA PRO B 198 -25.92 0.87 -30.94
C PRO B 198 -25.23 -0.40 -31.43
N THR B 199 -24.47 -0.30 -32.51
CA THR B 199 -23.68 -1.44 -32.97
C THR B 199 -22.38 -1.58 -32.20
N ILE B 200 -21.97 -0.56 -31.45
CA ILE B 200 -20.70 -0.67 -30.73
C ILE B 200 -20.88 -1.56 -29.50
N THR B 201 -19.87 -2.38 -29.23
CA THR B 201 -19.91 -3.31 -28.12
C THR B 201 -18.95 -2.89 -26.99
N ILE B 202 -19.15 -3.49 -25.81
CA ILE B 202 -18.23 -3.42 -24.66
C ILE B 202 -17.81 -4.84 -24.28
N LYS B 203 -16.53 -5.04 -23.96
CA LYS B 203 -16.10 -6.35 -23.47
C LYS B 203 -16.65 -6.54 -22.07
N SER B 204 -16.89 -7.80 -21.70
CA SER B 204 -17.37 -8.15 -20.37
C SER B 204 -16.49 -7.56 -19.27
N TYR B 205 -15.19 -7.46 -19.52
CA TYR B 205 -14.24 -6.94 -18.53
C TYR B 205 -13.81 -5.49 -18.78
N HIS B 206 -14.45 -4.81 -19.72
CA HIS B 206 -14.14 -3.38 -19.99
C HIS B 206 -15.16 -2.44 -19.37
N LEU B 207 -14.75 -1.20 -19.09
CA LEU B 207 -15.68 -0.20 -18.52
C LEU B 207 -16.30 0.68 -19.61
N TRP B 208 -15.66 0.74 -20.77
CA TRP B 208 -16.12 1.59 -21.86
C TRP B 208 -16.31 0.76 -23.14
N PRO B 209 -17.02 1.33 -24.14
CA PRO B 209 -17.25 0.63 -25.41
C PRO B 209 -15.97 0.42 -26.21
N SER B 210 -15.96 -0.60 -27.07
CA SER B 210 -14.81 -0.88 -27.93
C SER B 210 -14.77 0.04 -29.15
N PHE B 211 -14.54 1.33 -28.94
CA PHE B 211 -14.46 2.27 -30.07
C PHE B 211 -13.19 2.07 -30.87
N THR B 212 -13.24 2.29 -32.18
CA THR B 212 -11.98 2.29 -32.91
C THR B 212 -11.25 3.59 -32.64
N ASP B 213 -10.02 3.69 -33.11
CA ASP B 213 -9.22 4.90 -32.94
C ASP B 213 -9.97 6.13 -33.48
N GLU B 214 -10.58 5.98 -34.64
CA GLU B 214 -11.24 7.11 -35.27
C GLU B 214 -12.54 7.46 -34.53
N GLN B 215 -13.17 6.45 -33.96
CA GLN B 215 -14.38 6.69 -33.18
C GLN B 215 -14.07 7.42 -31.88
N TRP B 216 -12.96 7.06 -31.24
CA TRP B 216 -12.54 7.76 -30.03
C TRP B 216 -12.27 9.25 -30.32
N ILE B 217 -11.76 9.55 -31.51
CA ILE B 217 -11.58 10.93 -31.93
C ILE B 217 -12.91 11.65 -31.85
N THR B 218 -13.94 11.07 -32.48
CA THR B 218 -15.26 11.68 -32.48
C THR B 218 -15.85 11.78 -31.08
N ILE B 219 -15.80 10.68 -30.33
CA ILE B 219 -16.32 10.66 -28.95
C ILE B 219 -15.68 11.77 -28.11
N GLU B 220 -14.37 11.86 -28.19
CA GLU B 220 -13.64 12.85 -27.38
C GLU B 220 -13.99 14.28 -27.76
N SER B 221 -14.13 14.59 -29.04
CA SER B 221 -14.52 15.97 -29.38
C SER B 221 -15.95 16.25 -28.93
N GLN B 222 -16.80 15.23 -29.02
CA GLN B 222 -18.18 15.34 -28.52
C GLN B 222 -18.21 15.64 -27.02
N MET B 223 -17.36 14.95 -26.26
CA MET B 223 -17.25 15.19 -24.82
C MET B 223 -16.72 16.58 -24.51
N ARG B 224 -15.73 17.03 -25.26
N ARG B 224 -15.74 17.03 -25.27
CA ARG B 224 -15.23 18.38 -25.05
CA ARG B 224 -15.22 18.38 -25.07
C ARG B 224 -16.36 19.36 -25.30
C ARG B 224 -16.33 19.38 -25.33
N ASP B 225 -17.13 19.13 -26.36
CA ASP B 225 -18.25 20.00 -26.72
C ASP B 225 -19.25 20.11 -25.57
N LEU B 226 -19.60 18.94 -25.01
CA LEU B 226 -20.52 18.88 -23.88
C LEU B 226 -20.01 19.74 -22.75
N ILE B 227 -18.76 19.50 -22.37
CA ILE B 227 -18.15 20.21 -21.28
C ILE B 227 -18.17 21.73 -21.53
N LEU B 228 -17.81 22.13 -22.74
N LEU B 228 -17.83 22.13 -22.75
CA LEU B 228 -17.76 23.55 -23.10
CA LEU B 228 -17.77 23.56 -23.06
C LEU B 228 -19.14 24.22 -23.09
C LEU B 228 -19.15 24.20 -23.03
N THR B 229 -20.14 23.49 -23.57
CA THR B 229 -21.51 24.00 -23.66
C THR B 229 -22.07 24.26 -22.28
N GLU B 230 -21.87 23.28 -21.39
CA GLU B 230 -22.33 23.36 -20.01
C GLU B 230 -21.60 24.44 -19.21
N TYR B 231 -20.29 24.51 -19.41
CA TYR B 231 -19.48 25.52 -18.75
C TYR B 231 -19.96 26.92 -19.16
N GLY B 232 -20.25 27.07 -20.45
CA GLY B 232 -20.70 28.33 -21.00
C GLY B 232 -22.04 28.76 -20.44
N ARG B 233 -22.97 27.82 -20.31
CA ARG B 233 -24.27 28.18 -19.77
C ARG B 233 -24.22 28.44 -18.27
N LYS B 234 -23.37 27.71 -17.57
CA LYS B 234 -23.21 27.90 -16.13
C LYS B 234 -22.61 29.27 -15.77
N TYR B 235 -21.63 29.70 -16.56
CA TYR B 235 -20.91 30.92 -16.21
C TYR B 235 -21.17 32.08 -17.14
N ASN B 236 -22.15 31.93 -18.03
CA ASN B 236 -22.44 32.93 -19.04
C ASN B 236 -21.19 33.32 -19.85
N VAL B 237 -20.67 32.38 -20.62
CA VAL B 237 -19.44 32.60 -21.39
C VAL B 237 -19.63 32.26 -22.88
N ASN B 238 -19.35 33.24 -23.76
CA ASN B 238 -19.47 33.04 -25.20
C ASN B 238 -18.34 32.14 -25.71
N ILE B 239 -18.66 30.87 -25.92
CA ILE B 239 -17.65 29.85 -26.25
C ILE B 239 -16.99 30.12 -27.62
N SER B 240 -17.77 30.65 -28.56
CA SER B 240 -17.30 30.96 -29.90
C SER B 240 -16.27 32.09 -29.89
N ALA B 241 -16.23 32.85 -28.79
CA ALA B 241 -15.32 33.97 -28.64
C ALA B 241 -13.95 33.57 -28.07
N LEU B 242 -13.90 32.44 -27.37
CA LEU B 242 -12.69 32.03 -26.67
C LEU B 242 -11.56 31.64 -27.61
N THR B 243 -10.35 32.01 -27.21
CA THR B 243 -9.16 31.57 -27.91
C THR B 243 -8.97 30.08 -27.66
N GLN B 244 -8.12 29.47 -28.48
CA GLN B 244 -7.89 28.02 -28.41
C GLN B 244 -7.32 27.65 -27.05
N THR B 245 -6.42 28.49 -26.54
CA THR B 245 -5.83 28.28 -25.23
C THR B 245 -6.88 28.32 -24.12
N GLU B 246 -7.77 29.31 -24.17
CA GLU B 246 -8.82 29.43 -23.18
C GLU B 246 -9.69 28.18 -23.16
N ILE B 247 -9.96 27.65 -24.35
CA ILE B 247 -10.77 26.44 -24.48
C ILE B 247 -10.04 25.23 -23.88
N LYS B 248 -8.78 25.06 -24.27
CA LYS B 248 -7.91 24.05 -23.69
C LYS B 248 -7.98 24.09 -22.16
N ASP B 249 -7.89 25.30 -21.61
CA ASP B 249 -7.80 25.49 -20.18
C ASP B 249 -9.09 25.09 -19.48
N ILE B 250 -10.23 25.41 -20.09
CA ILE B 250 -11.51 25.02 -19.52
C ILE B 250 -11.67 23.48 -19.51
N ILE B 251 -11.26 22.85 -20.61
CA ILE B 251 -11.35 21.41 -20.77
C ILE B 251 -10.55 20.71 -19.66
N LEU B 252 -9.33 21.20 -19.43
CA LEU B 252 -8.41 20.63 -18.45
C LEU B 252 -8.83 20.86 -16.99
N GLY B 253 -9.81 21.73 -16.78
CA GLY B 253 -10.48 21.86 -15.49
C GLY B 253 -9.72 22.51 -14.34
N GLN B 254 -8.53 23.07 -14.66
CA GLN B 254 -7.54 23.72 -13.78
C GLN B 254 -6.23 23.02 -13.53
#